data_9GIA
#
_entry.id   9GIA
#
_cell.length_a   93.134
_cell.length_b   116.815
_cell.length_c   130.540
_cell.angle_alpha   90.000
_cell.angle_beta   90.000
_cell.angle_gamma   90.000
#
_symmetry.space_group_name_H-M   'I 2 2 2'
#
loop_
_entity.id
_entity.type
_entity.pdbx_description
1 polymer 'Polyphosphate-AMP phosphotransferase'
2 non-polymer 'PYROPHOSPHATE 2-'
3 non-polymer 'PHOSPHATE ION'
4 water water
#
_entity_poly.entity_id   1
_entity_poly.type   'polypeptide(L)'
_entity_poly.pdbx_seq_one_letter_code
;MGSSHHHHHHSSGLVPRGSHMENGHLAKVDLTKKIESKSKYNKKLEKYQRRLLALQQILKEEKIAVMLVMEGWDAAGKGG
AIKRVTEHLDPRGFQVDPIGAPAPHEKRYHYLQRFWRKIPQYGQITIFDRSWYGRVLVERVEGFATKEEWMRAYDEINDF
EKLLTDDHYIIGKFFYHISKEEQLKRFKDREKNPLKRWKITDEDWRNREKWDEYVEAMEDMFEKTSKPNAKWHIIESNDK
LYARVKTLKIIISFIEDYFLEHGIELPSYYYEMKEDIEVLQDVGVKE
;
_entity_poly.pdbx_strand_id   A,B
#
# COMPACT_ATOMS: atom_id res chain seq x y z
N SER A 19 17.75 5.48 -11.87
CA SER A 19 16.70 4.81 -12.69
C SER A 19 15.43 4.64 -11.86
N HIS A 20 14.46 3.89 -12.39
CA HIS A 20 13.25 3.52 -11.64
C HIS A 20 13.58 2.31 -10.76
N MET A 21 14.62 1.55 -11.20
CA MET A 21 15.05 0.33 -10.53
C MET A 21 15.89 0.68 -9.30
N GLU A 22 16.43 1.91 -9.24
CA GLU A 22 17.10 2.43 -8.04
C GLU A 22 16.09 2.72 -6.92
N ASN A 23 14.87 3.20 -7.23
CA ASN A 23 13.90 3.48 -6.16
C ASN A 23 12.75 2.46 -6.22
N GLY A 24 12.95 1.38 -6.99
CA GLY A 24 12.03 0.27 -7.02
C GLY A 24 11.86 -0.45 -5.67
N HIS A 25 10.82 -1.28 -5.61
CA HIS A 25 10.50 -2.02 -4.39
C HIS A 25 11.65 -2.93 -3.98
N LEU A 26 12.29 -3.59 -4.96
CA LEU A 26 13.24 -4.67 -4.70
C LEU A 26 14.60 -4.10 -4.29
N ALA A 27 14.94 -2.94 -4.85
CA ALA A 27 16.12 -2.21 -4.47
C ALA A 27 16.02 -1.64 -3.05
N LYS A 28 14.82 -1.35 -2.57
CA LYS A 28 14.65 -0.76 -1.26
C LYS A 28 14.66 -1.81 -0.15
N VAL A 29 14.57 -3.09 -0.53
CA VAL A 29 14.49 -4.20 0.41
C VAL A 29 15.81 -4.37 1.14
N ASP A 30 15.72 -4.51 2.45
CA ASP A 30 16.88 -4.72 3.30
C ASP A 30 17.22 -6.22 3.39
N LEU A 31 18.24 -6.63 2.63
CA LEU A 31 18.57 -8.03 2.48
C LEU A 31 19.44 -8.55 3.63
N THR A 32 19.72 -7.70 4.64
CA THR A 32 20.57 -8.08 5.76
C THR A 32 19.74 -8.83 6.80
N LYS A 33 18.41 -8.86 6.63
CA LYS A 33 17.57 -9.40 7.68
C LYS A 33 17.96 -10.87 7.92
N LYS A 34 17.97 -11.30 9.18
CA LYS A 34 18.38 -12.67 9.47
C LYS A 34 17.98 -13.06 10.87
N ILE A 35 18.05 -14.37 11.13
CA ILE A 35 17.95 -14.92 12.47
C ILE A 35 19.24 -15.68 12.73
N GLU A 36 20.04 -15.17 13.68
CA GLU A 36 21.42 -15.59 13.92
C GLU A 36 21.48 -16.99 14.53
N SER A 37 20.59 -17.26 15.48
CA SER A 37 20.55 -18.50 16.23
C SER A 37 19.58 -19.52 15.62
N LYS A 38 20.11 -20.69 15.27
CA LYS A 38 19.32 -21.78 14.72
C LYS A 38 18.28 -22.25 15.74
N SER A 39 18.62 -22.20 17.03
CA SER A 39 17.71 -22.73 18.05
C SER A 39 16.57 -21.73 18.31
N LYS A 40 16.85 -20.42 18.24
CA LYS A 40 15.82 -19.42 18.45
C LYS A 40 14.90 -19.39 17.22
N TYR A 41 15.40 -19.82 16.06
CA TYR A 41 14.59 -20.08 14.87
C TYR A 41 13.60 -21.22 15.13
N ASN A 42 14.12 -22.39 15.58
CA ASN A 42 13.29 -23.56 15.84
C ASN A 42 12.19 -23.24 16.86
N LYS A 43 12.48 -22.41 17.85
CA LYS A 43 11.49 -22.11 18.86
C LYS A 43 10.38 -21.25 18.25
N LYS A 44 10.75 -20.28 17.40
CA LYS A 44 9.80 -19.37 16.79
C LYS A 44 8.94 -20.12 15.77
N LEU A 45 9.57 -21.00 15.00
CA LEU A 45 8.85 -21.78 14.01
C LEU A 45 7.77 -22.58 14.70
N GLU A 46 8.14 -23.31 15.76
CA GLU A 46 7.21 -24.21 16.44
C GLU A 46 6.09 -23.39 17.06
N LYS A 47 6.41 -22.20 17.55
CA LYS A 47 5.40 -21.31 18.10
C LYS A 47 4.37 -20.95 17.03
N TYR A 48 4.84 -20.59 15.83
CA TYR A 48 3.95 -20.10 14.78
C TYR A 48 3.24 -21.27 14.12
N GLN A 49 3.90 -22.44 14.07
CA GLN A 49 3.31 -23.66 13.54
C GLN A 49 2.13 -24.11 14.41
N ARG A 50 2.25 -23.97 15.73
CA ARG A 50 1.18 -24.33 16.65
C ARG A 50 -0.01 -23.41 16.41
N ARG A 51 0.28 -22.12 16.24
CA ARG A 51 -0.78 -21.14 16.07
C ARG A 51 -1.55 -21.42 14.80
N LEU A 52 -0.81 -21.67 13.70
CA LEU A 52 -1.38 -21.86 12.37
C LEU A 52 -2.30 -23.09 12.36
N LEU A 53 -1.88 -24.19 13.01
CA LEU A 53 -2.69 -25.40 13.14
C LEU A 53 -3.99 -25.09 13.88
N ALA A 54 -3.91 -24.26 14.90
CA ALA A 54 -5.12 -23.95 15.66
C ALA A 54 -6.08 -23.19 14.75
N LEU A 55 -5.54 -22.31 13.92
CA LEU A 55 -6.38 -21.53 13.03
C LEU A 55 -6.93 -22.42 11.90
N GLN A 56 -6.17 -23.46 11.52
CA GLN A 56 -6.65 -24.39 10.51
C GLN A 56 -7.96 -25.06 10.96
N GLN A 57 -8.12 -25.39 12.24
CA GLN A 57 -9.38 -25.95 12.75
C GLN A 57 -10.53 -24.96 12.62
N ILE A 58 -10.30 -23.70 12.94
CA ILE A 58 -11.33 -22.70 12.79
C ILE A 58 -11.66 -22.49 11.31
N LEU A 59 -10.66 -22.61 10.43
CA LEU A 59 -10.86 -22.44 9.01
C LEU A 59 -11.80 -23.52 8.49
N LYS A 60 -11.50 -24.79 8.79
CA LYS A 60 -12.29 -25.93 8.37
C LYS A 60 -13.76 -25.75 8.74
N GLU A 61 -14.04 -25.32 9.98
CA GLU A 61 -15.42 -25.29 10.47
C GLU A 61 -16.17 -24.11 9.82
N GLU A 62 -15.49 -23.03 9.45
CA GLU A 62 -16.15 -21.73 9.28
C GLU A 62 -16.44 -21.43 7.82
N LYS A 63 -16.08 -22.32 6.89
CA LYS A 63 -16.39 -22.07 5.49
C LYS A 63 -15.65 -20.82 5.00
N ILE A 64 -14.33 -20.88 5.14
CA ILE A 64 -13.44 -19.86 4.61
C ILE A 64 -12.31 -20.60 3.93
N ALA A 65 -11.92 -20.12 2.75
CA ALA A 65 -10.83 -20.71 1.98
C ALA A 65 -9.63 -19.78 1.94
N VAL A 66 -8.44 -20.35 2.05
CA VAL A 66 -7.22 -19.57 1.96
C VAL A 66 -6.45 -19.92 0.69
N MET A 67 -5.99 -18.90 -0.04
CA MET A 67 -5.08 -19.12 -1.16
C MET A 67 -3.78 -18.40 -0.88
N LEU A 68 -2.69 -19.14 -0.94
CA LEU A 68 -1.35 -18.56 -0.82
C LEU A 68 -0.65 -18.60 -2.18
N VAL A 69 -0.13 -17.47 -2.61
CA VAL A 69 0.68 -17.42 -3.83
C VAL A 69 2.14 -17.19 -3.43
N MET A 70 3.06 -17.94 -4.03
CA MET A 70 4.48 -17.80 -3.75
C MET A 70 5.25 -17.56 -5.05
N GLU A 71 5.80 -16.37 -5.20
CA GLU A 71 6.65 -16.08 -6.34
C GLU A 71 8.04 -15.71 -5.86
N GLY A 72 8.98 -15.68 -6.80
CA GLY A 72 10.31 -15.24 -6.44
C GLY A 72 11.32 -15.77 -7.42
N TRP A 73 12.57 -15.39 -7.18
CA TRP A 73 13.68 -15.89 -7.98
C TRP A 73 13.79 -17.41 -7.79
N ASP A 74 14.35 -18.09 -8.79
CA ASP A 74 14.80 -19.46 -8.64
C ASP A 74 15.76 -19.53 -7.45
N ALA A 75 15.64 -20.59 -6.65
CA ALA A 75 16.48 -20.82 -5.49
C ALA A 75 16.19 -19.87 -4.32
N ALA A 76 15.15 -19.06 -4.40
CA ALA A 76 14.94 -18.02 -3.39
C ALA A 76 14.28 -18.57 -2.13
N GLY A 77 13.83 -19.84 -2.15
CA GLY A 77 13.32 -20.50 -0.95
C GLY A 77 11.80 -20.59 -0.83
N LYS A 78 11.05 -20.39 -1.92
CA LYS A 78 9.61 -20.67 -1.95
C LYS A 78 9.35 -22.12 -1.52
N GLY A 79 10.06 -23.06 -2.13
CA GLY A 79 9.93 -24.47 -1.77
C GLY A 79 10.16 -24.68 -0.27
N GLY A 80 11.26 -24.10 0.27
CA GLY A 80 11.55 -24.18 1.70
C GLY A 80 10.44 -23.61 2.58
N ALA A 81 9.86 -22.47 2.18
CA ALA A 81 8.85 -21.79 2.98
C ALA A 81 7.59 -22.61 3.05
N ILE A 82 7.11 -23.03 1.88
CA ILE A 82 5.94 -23.88 1.79
C ILE A 82 6.13 -25.07 2.73
N LYS A 83 7.31 -25.69 2.72
CA LYS A 83 7.52 -26.89 3.54
C LYS A 83 7.27 -26.56 5.01
N ARG A 84 7.69 -25.36 5.45
CA ARG A 84 7.59 -25.03 6.86
C ARG A 84 6.15 -24.65 7.18
N VAL A 85 5.49 -23.99 6.22
CA VAL A 85 4.08 -23.64 6.40
C VAL A 85 3.23 -24.90 6.60
N THR A 86 3.52 -25.98 5.84
CA THR A 86 2.65 -27.15 5.78
C THR A 86 3.16 -28.29 6.65
N GLU A 87 4.40 -28.22 7.14
CA GLU A 87 5.01 -29.31 7.89
C GLU A 87 4.04 -29.96 8.89
N HIS A 88 3.37 -29.17 9.72
CA HIS A 88 2.57 -29.73 10.80
C HIS A 88 1.11 -29.38 10.60
N LEU A 89 0.71 -29.19 9.35
CA LEU A 89 -0.70 -29.03 9.01
C LEU A 89 -1.31 -30.39 8.64
N ASP A 90 -2.61 -30.51 8.80
CA ASP A 90 -3.34 -31.69 8.35
C ASP A 90 -3.35 -31.73 6.83
N PRO A 91 -2.73 -32.73 6.17
CA PRO A 91 -2.70 -32.80 4.70
C PRO A 91 -4.05 -32.90 3.99
N ARG A 92 -5.13 -33.19 4.74
CA ARG A 92 -6.45 -33.33 4.16
C ARG A 92 -7.08 -31.96 4.00
N GLY A 93 -6.47 -30.94 4.61
CA GLY A 93 -7.04 -29.60 4.63
C GLY A 93 -6.24 -28.62 3.78
N PHE A 94 -5.21 -29.12 3.06
CA PHE A 94 -4.42 -28.27 2.19
C PHE A 94 -3.94 -29.08 0.99
N GLN A 95 -3.74 -28.39 -0.13
CA GLN A 95 -3.09 -28.91 -1.33
C GLN A 95 -1.95 -27.97 -1.72
N VAL A 96 -0.85 -28.52 -2.20
CA VAL A 96 0.21 -27.70 -2.75
C VAL A 96 0.27 -27.91 -4.26
N ASP A 97 0.05 -26.85 -5.04
CA ASP A 97 0.02 -26.98 -6.49
C ASP A 97 1.27 -26.36 -7.14
N PRO A 98 2.28 -27.15 -7.59
CA PRO A 98 3.47 -26.61 -8.25
C PRO A 98 3.20 -26.29 -9.72
N ILE A 99 3.38 -25.01 -10.07
CA ILE A 99 2.96 -24.46 -11.34
C ILE A 99 4.16 -24.27 -12.27
N GLY A 100 4.17 -25.01 -13.38
CA GLY A 100 5.14 -24.81 -14.43
C GLY A 100 4.47 -24.23 -15.66
N ALA A 101 5.19 -24.36 -16.78
CA ALA A 101 4.69 -23.96 -18.07
C ALA A 101 3.44 -24.78 -18.38
N PRO A 102 2.43 -24.19 -19.07
CA PRO A 102 1.24 -24.92 -19.45
C PRO A 102 1.62 -26.15 -20.26
N ALA A 103 1.08 -27.30 -19.86
CA ALA A 103 1.10 -28.54 -20.62
C ALA A 103 0.20 -28.45 -21.86
N PRO A 104 0.41 -29.29 -22.90
CA PRO A 104 -0.36 -29.16 -24.14
C PRO A 104 -1.89 -29.13 -23.96
N HIS A 105 -2.41 -29.92 -23.01
CA HIS A 105 -3.84 -29.99 -22.75
C HIS A 105 -4.39 -28.70 -22.13
N GLU A 106 -3.55 -27.94 -21.44
CA GLU A 106 -3.98 -26.71 -20.78
C GLU A 106 -3.98 -25.57 -21.81
N LYS A 107 -3.18 -25.70 -22.87
CA LYS A 107 -2.99 -24.64 -23.86
C LYS A 107 -4.22 -24.53 -24.76
N ARG A 108 -5.09 -25.53 -24.69
CA ARG A 108 -6.33 -25.57 -25.44
C ARG A 108 -7.45 -24.74 -24.78
N TYR A 109 -7.22 -24.20 -23.57
CA TYR A 109 -8.21 -23.41 -22.86
C TYR A 109 -7.65 -22.04 -22.50
N HIS A 110 -8.52 -21.13 -22.08
CA HIS A 110 -8.08 -19.81 -21.66
C HIS A 110 -7.10 -19.97 -20.48
N TYR A 111 -6.18 -19.00 -20.31
CA TYR A 111 -5.03 -19.21 -19.44
C TYR A 111 -5.43 -19.38 -17.96
N LEU A 112 -6.64 -18.94 -17.58
CA LEU A 112 -7.00 -18.93 -16.18
C LEU A 112 -7.75 -20.20 -15.84
N GLN A 113 -8.23 -20.88 -16.87
CA GLN A 113 -8.98 -22.10 -16.63
C GLN A 113 -8.20 -23.10 -15.77
N ARG A 114 -6.90 -23.24 -15.96
CA ARG A 114 -6.20 -24.25 -15.20
C ARG A 114 -6.07 -23.83 -13.74
N PHE A 115 -6.17 -22.53 -13.45
CA PHE A 115 -6.09 -22.06 -12.07
C PHE A 115 -7.44 -22.24 -11.37
N TRP A 116 -8.53 -21.99 -12.09
CA TRP A 116 -9.87 -22.16 -11.56
C TRP A 116 -10.11 -23.57 -11.09
N ARG A 117 -9.52 -24.55 -11.78
CA ARG A 117 -9.61 -25.94 -11.34
C ARG A 117 -8.84 -26.18 -10.05
N LYS A 118 -7.91 -25.30 -9.67
CA LYS A 118 -7.10 -25.61 -8.53
C LYS A 118 -7.55 -24.83 -7.30
N ILE A 119 -8.54 -23.93 -7.42
CA ILE A 119 -8.88 -23.05 -6.31
C ILE A 119 -9.47 -23.92 -5.21
N PRO A 120 -9.19 -23.60 -3.94
CA PRO A 120 -9.63 -24.43 -2.81
C PRO A 120 -11.13 -24.39 -2.61
N GLN A 121 -11.67 -25.50 -2.12
CA GLN A 121 -13.03 -25.43 -1.58
C GLN A 121 -13.00 -24.73 -0.22
N TYR A 122 -14.17 -24.33 0.23
CA TYR A 122 -14.32 -23.66 1.49
C TYR A 122 -13.81 -24.53 2.63
N GLY A 123 -12.97 -23.94 3.48
CA GLY A 123 -12.44 -24.63 4.65
C GLY A 123 -11.07 -25.21 4.35
N GLN A 124 -10.57 -24.97 3.14
CA GLN A 124 -9.38 -25.62 2.66
C GLN A 124 -8.39 -24.56 2.23
N ILE A 125 -7.13 -24.98 2.14
CA ILE A 125 -6.03 -24.11 1.75
C ILE A 125 -5.48 -24.68 0.46
N THR A 126 -5.31 -23.85 -0.58
CA THR A 126 -4.43 -24.22 -1.68
C THR A 126 -3.22 -23.30 -1.70
N ILE A 127 -2.05 -23.89 -2.00
CA ILE A 127 -0.80 -23.17 -2.04
C ILE A 127 -0.19 -23.27 -3.42
N PHE A 128 0.06 -22.13 -4.05
CA PHE A 128 0.60 -22.10 -5.41
C PHE A 128 2.10 -21.82 -5.40
N ASP A 129 2.92 -22.76 -5.90
CA ASP A 129 4.37 -22.62 -5.86
C ASP A 129 4.78 -21.62 -6.93
N ARG A 130 4.15 -21.66 -8.08
CA ARG A 130 4.05 -20.44 -8.87
C ARG A 130 2.57 -20.26 -9.20
N SER A 131 2.21 -19.25 -10.00
CA SER A 131 0.82 -18.86 -10.15
C SER A 131 0.49 -18.34 -11.55
N TRP A 132 -0.73 -17.84 -11.64
CA TRP A 132 -1.18 -17.00 -12.73
C TRP A 132 -0.23 -15.83 -12.99
N TYR A 133 0.51 -15.35 -11.97
CA TYR A 133 1.43 -14.21 -12.12
C TYR A 133 2.50 -14.46 -13.18
N GLY A 134 2.69 -15.74 -13.57
CA GLY A 134 3.55 -16.10 -14.70
C GLY A 134 3.15 -15.41 -16.00
N ARG A 135 1.87 -15.05 -16.11
CA ARG A 135 1.38 -14.35 -17.30
C ARG A 135 2.05 -13.00 -17.45
N VAL A 136 2.41 -12.36 -16.33
CA VAL A 136 3.09 -11.06 -16.39
C VAL A 136 4.58 -11.15 -16.00
N LEU A 137 5.15 -12.37 -15.89
CA LEU A 137 6.58 -12.52 -15.60
C LEU A 137 7.24 -13.34 -16.73
N VAL A 138 7.35 -14.64 -16.52
CA VAL A 138 7.98 -15.49 -17.51
C VAL A 138 7.32 -15.31 -18.87
N GLU A 139 5.99 -15.29 -18.91
CA GLU A 139 5.29 -15.23 -20.18
C GLU A 139 5.58 -13.92 -20.89
N ARG A 140 5.80 -12.85 -20.12
CA ARG A 140 6.14 -11.56 -20.71
C ARG A 140 7.57 -11.51 -21.25
N VAL A 141 8.54 -11.94 -20.42
CA VAL A 141 9.94 -11.73 -20.74
C VAL A 141 10.36 -12.65 -21.88
N GLU A 142 9.81 -13.87 -21.92
CA GLU A 142 10.14 -14.85 -22.94
C GLU A 142 9.23 -14.68 -24.16
N GLY A 143 8.22 -13.79 -24.05
CA GLY A 143 7.30 -13.44 -25.13
C GLY A 143 6.32 -14.57 -25.48
N PHE A 144 5.98 -15.45 -24.54
CA PHE A 144 4.95 -16.46 -24.76
C PHE A 144 3.59 -15.77 -24.77
N ALA A 145 3.52 -14.59 -24.17
CA ALA A 145 2.33 -13.78 -24.21
C ALA A 145 2.65 -12.48 -24.95
N THR A 146 1.74 -12.06 -25.84
CA THR A 146 1.93 -10.87 -26.63
C THR A 146 1.90 -9.66 -25.72
N LYS A 147 2.26 -8.49 -26.27
CA LYS A 147 2.15 -7.24 -25.54
C LYS A 147 0.71 -7.03 -25.03
N GLU A 148 -0.29 -7.29 -25.87
CA GLU A 148 -1.68 -7.00 -25.49
C GLU A 148 -2.11 -7.90 -24.34
N GLU A 149 -1.86 -9.21 -24.51
CA GLU A 149 -2.08 -10.21 -23.48
C GLU A 149 -1.46 -9.83 -22.13
N TRP A 150 -0.15 -9.53 -22.05
CA TRP A 150 0.34 -9.29 -20.69
C TRP A 150 -0.05 -7.91 -20.20
N MET A 151 -0.35 -6.97 -21.11
CA MET A 151 -0.69 -5.62 -20.68
C MET A 151 -2.08 -5.55 -20.07
N ARG A 152 -3.01 -6.38 -20.56
CA ARG A 152 -4.37 -6.42 -20.02
C ARG A 152 -4.43 -7.35 -18.81
N ALA A 153 -3.42 -8.21 -18.63
CA ALA A 153 -3.48 -9.31 -17.68
C ALA A 153 -3.46 -8.82 -16.26
N TYR A 154 -2.86 -7.64 -15.99
CA TYR A 154 -2.77 -7.17 -14.63
C TYR A 154 -4.20 -6.98 -14.09
N ASP A 155 -5.10 -6.45 -14.92
CA ASP A 155 -6.46 -6.12 -14.50
C ASP A 155 -7.32 -7.39 -14.41
N GLU A 156 -7.12 -8.30 -15.36
CA GLU A 156 -7.69 -9.64 -15.26
C GLU A 156 -7.30 -10.32 -13.95
N ILE A 157 -6.01 -10.32 -13.60
CA ILE A 157 -5.58 -10.98 -12.36
C ILE A 157 -6.21 -10.32 -11.14
N ASN A 158 -6.41 -9.00 -11.20
CA ASN A 158 -6.97 -8.25 -10.08
C ASN A 158 -8.43 -8.61 -9.88
N ASP A 159 -9.19 -8.66 -11.00
CA ASP A 159 -10.57 -9.10 -11.02
C ASP A 159 -10.69 -10.50 -10.45
N PHE A 160 -9.80 -11.40 -10.85
CA PHE A 160 -9.83 -12.78 -10.37
C PHE A 160 -9.67 -12.78 -8.86
N GLU A 161 -8.73 -11.98 -8.35
CA GLU A 161 -8.46 -12.01 -6.93
C GLU A 161 -9.68 -11.45 -6.18
N LYS A 162 -10.31 -10.43 -6.77
CA LYS A 162 -11.37 -9.70 -6.08
C LYS A 162 -12.65 -10.55 -6.07
N LEU A 163 -12.88 -11.29 -7.14
CA LEU A 163 -13.95 -12.28 -7.19
C LEU A 163 -13.93 -13.14 -5.96
N LEU A 164 -12.77 -13.73 -5.71
CA LEU A 164 -12.64 -14.63 -4.58
C LEU A 164 -12.68 -13.89 -3.23
N THR A 165 -12.13 -12.67 -3.13
CA THR A 165 -12.08 -11.96 -1.85
C THR A 165 -13.44 -11.34 -1.51
N ASP A 166 -14.18 -10.90 -2.53
CA ASP A 166 -15.57 -10.46 -2.36
C ASP A 166 -16.49 -11.61 -1.93
N ASP A 167 -16.04 -12.85 -2.12
CA ASP A 167 -16.74 -14.02 -1.68
C ASP A 167 -16.20 -14.40 -0.31
N HIS A 168 -15.75 -15.66 -0.11
CA HIS A 168 -15.26 -16.10 1.18
C HIS A 168 -13.85 -16.69 1.10
N TYR A 169 -13.01 -16.16 0.20
CA TYR A 169 -11.61 -16.54 0.05
C TYR A 169 -10.71 -15.50 0.70
N ILE A 170 -9.66 -15.97 1.37
CA ILE A 170 -8.57 -15.09 1.79
C ILE A 170 -7.38 -15.35 0.88
N ILE A 171 -6.74 -14.31 0.37
CA ILE A 171 -5.60 -14.49 -0.51
C ILE A 171 -4.37 -13.80 0.08
N GLY A 172 -3.27 -14.55 0.20
CA GLY A 172 -1.98 -13.94 0.53
C GLY A 172 -0.91 -14.23 -0.51
N LYS A 173 -0.19 -13.19 -0.94
CA LYS A 173 0.85 -13.35 -1.95
C LYS A 173 2.22 -12.97 -1.37
N PHE A 174 3.20 -13.85 -1.59
CA PHE A 174 4.54 -13.71 -1.06
C PHE A 174 5.55 -13.70 -2.19
N PHE A 175 6.52 -12.76 -2.15
CA PHE A 175 7.62 -12.73 -3.10
C PHE A 175 8.94 -12.84 -2.34
N TYR A 176 9.73 -13.86 -2.68
CA TYR A 176 10.96 -14.17 -1.97
C TYR A 176 12.10 -13.53 -2.74
N HIS A 177 12.73 -12.52 -2.12
CA HIS A 177 13.74 -11.75 -2.83
C HIS A 177 15.12 -12.08 -2.25
N ILE A 178 16.07 -12.38 -3.13
CA ILE A 178 17.46 -12.63 -2.81
C ILE A 178 18.31 -11.81 -3.75
N SER A 179 19.57 -11.59 -3.38
CA SER A 179 20.54 -10.93 -4.24
C SER A 179 20.96 -11.87 -5.38
N LYS A 180 21.48 -11.27 -6.45
CA LYS A 180 22.05 -12.01 -7.57
C LYS A 180 23.22 -12.90 -7.11
N GLU A 181 24.02 -12.40 -6.16
CA GLU A 181 25.16 -13.12 -5.65
C GLU A 181 24.70 -14.31 -4.81
N GLU A 182 23.65 -14.13 -4.00
CA GLU A 182 23.09 -15.22 -3.19
C GLU A 182 22.51 -16.33 -4.08
N GLN A 183 21.86 -15.92 -5.17
CA GLN A 183 21.33 -16.87 -6.13
C GLN A 183 22.45 -17.75 -6.64
N LEU A 184 23.58 -17.13 -7.02
CA LEU A 184 24.70 -17.88 -7.59
C LEU A 184 25.23 -18.89 -6.59
N LYS A 185 25.36 -18.48 -5.32
CA LYS A 185 25.83 -19.38 -4.28
C LYS A 185 24.92 -20.61 -4.19
N ARG A 186 23.59 -20.39 -4.21
CA ARG A 186 22.62 -21.47 -4.12
C ARG A 186 22.63 -22.32 -5.40
N PHE A 187 22.75 -21.67 -6.56
CA PHE A 187 22.85 -22.42 -7.81
C PHE A 187 24.05 -23.36 -7.76
N LYS A 188 25.17 -22.90 -7.20
CA LYS A 188 26.38 -23.71 -7.13
C LYS A 188 26.16 -24.90 -6.19
N ASP A 189 25.52 -24.66 -5.02
CA ASP A 189 25.24 -25.70 -4.04
C ASP A 189 24.26 -26.75 -4.60
N ARG A 190 23.30 -26.33 -5.40
CA ARG A 190 22.36 -27.29 -5.96
C ARG A 190 23.08 -28.19 -6.95
N GLU A 191 24.12 -27.67 -7.61
CA GLU A 191 24.88 -28.45 -8.59
C GLU A 191 25.77 -29.49 -7.90
N LYS A 192 26.38 -29.13 -6.75
CA LYS A 192 27.34 -30.00 -6.08
C LYS A 192 26.63 -31.16 -5.37
N ASN A 193 25.44 -30.90 -4.82
CA ASN A 193 24.70 -31.90 -4.06
C ASN A 193 23.95 -32.82 -5.02
N PRO A 194 24.17 -34.15 -5.07
CA PRO A 194 23.46 -35.00 -6.04
C PRO A 194 21.94 -35.02 -5.84
N LEU A 195 21.49 -34.85 -4.58
CA LEU A 195 20.09 -34.91 -4.22
C LEU A 195 19.35 -33.67 -4.71
N LYS A 196 20.09 -32.58 -4.93
CA LYS A 196 19.51 -31.29 -5.33
C LYS A 196 19.83 -30.99 -6.79
N ARG A 197 20.40 -31.92 -7.56
CA ARG A 197 20.92 -31.58 -8.88
C ARG A 197 19.78 -31.40 -9.88
N TRP A 198 18.71 -32.18 -9.72
CA TRP A 198 17.40 -31.76 -10.23
C TRP A 198 17.09 -30.56 -9.35
N LYS A 199 16.40 -29.54 -9.86
CA LYS A 199 16.22 -28.28 -9.13
C LYS A 199 17.04 -27.15 -9.77
N ILE A 200 18.07 -27.52 -10.54
CA ILE A 200 18.88 -26.58 -11.30
C ILE A 200 19.00 -27.15 -12.71
N THR A 201 18.58 -26.36 -13.69
CA THR A 201 18.60 -26.75 -15.10
C THR A 201 19.09 -25.57 -15.95
N ASP A 202 19.30 -25.84 -17.24
CA ASP A 202 19.60 -24.81 -18.22
C ASP A 202 18.59 -23.67 -18.17
N GLU A 203 17.31 -24.01 -17.96
CA GLU A 203 16.26 -23.03 -17.77
C GLU A 203 16.61 -22.05 -16.64
N ASP A 204 17.10 -22.56 -15.51
CA ASP A 204 17.43 -21.74 -14.34
C ASP A 204 18.50 -20.70 -14.69
N TRP A 205 19.57 -21.13 -15.38
CA TRP A 205 20.64 -20.25 -15.87
C TRP A 205 20.13 -19.23 -16.89
N ARG A 206 19.34 -19.69 -17.86
CA ARG A 206 18.71 -18.79 -18.82
C ARG A 206 17.96 -17.66 -18.08
N ASN A 207 17.20 -18.00 -17.02
CA ASN A 207 16.38 -17.02 -16.36
C ASN A 207 17.22 -16.00 -15.58
N ARG A 208 18.37 -16.43 -15.04
CA ARG A 208 19.27 -15.53 -14.34
C ARG A 208 19.88 -14.53 -15.30
N GLU A 209 20.13 -14.96 -16.54
CA GLU A 209 20.61 -14.05 -17.58
C GLU A 209 19.61 -12.92 -17.85
N LYS A 210 18.31 -13.16 -17.67
CA LYS A 210 17.31 -12.15 -17.96
C LYS A 210 16.94 -11.37 -16.70
N TRP A 211 17.71 -11.59 -15.63
CA TRP A 211 17.48 -10.97 -14.33
C TRP A 211 16.91 -9.54 -14.40
N ASP A 212 17.50 -8.63 -15.16
CA ASP A 212 17.06 -7.23 -15.10
C ASP A 212 15.69 -7.03 -15.79
N GLU A 213 15.41 -7.76 -16.86
CA GLU A 213 14.08 -7.78 -17.43
C GLU A 213 13.04 -8.23 -16.39
N TYR A 214 13.40 -9.24 -15.60
CA TYR A 214 12.53 -9.77 -14.59
C TYR A 214 12.25 -8.68 -13.57
N VAL A 215 13.25 -7.87 -13.21
CA VAL A 215 13.07 -6.84 -12.18
C VAL A 215 12.03 -5.85 -12.67
N GLU A 216 12.17 -5.42 -13.92
CA GLU A 216 11.24 -4.47 -14.54
C GLU A 216 9.82 -5.03 -14.44
N ALA A 217 9.68 -6.35 -14.67
CA ALA A 217 8.39 -6.99 -14.78
C ALA A 217 7.78 -7.20 -13.40
N MET A 218 8.64 -7.44 -12.43
CA MET A 218 8.22 -7.67 -11.06
C MET A 218 7.84 -6.34 -10.45
N GLU A 219 8.55 -5.25 -10.80
CA GLU A 219 8.19 -3.91 -10.29
C GLU A 219 6.81 -3.52 -10.78
N ASP A 220 6.55 -3.70 -12.08
CA ASP A 220 5.22 -3.46 -12.64
C ASP A 220 4.16 -4.29 -11.91
N MET A 221 4.47 -5.53 -11.59
CA MET A 221 3.50 -6.38 -10.94
C MET A 221 3.20 -5.84 -9.53
N PHE A 222 4.22 -5.46 -8.76
CA PHE A 222 3.96 -4.93 -7.42
C PHE A 222 3.13 -3.63 -7.49
N GLU A 223 3.40 -2.78 -8.48
CA GLU A 223 2.61 -1.57 -8.65
C GLU A 223 1.16 -1.90 -8.99
N LYS A 224 0.96 -2.74 -9.99
CA LYS A 224 -0.35 -2.93 -10.58
C LYS A 224 -1.25 -3.90 -9.78
N THR A 225 -0.69 -4.89 -9.05
CA THR A 225 -1.50 -5.95 -8.46
C THR A 225 -1.31 -6.07 -6.95
N SER A 226 -0.90 -5.00 -6.28
CA SER A 226 -0.86 -5.04 -4.84
C SER A 226 -2.07 -4.29 -4.33
N LYS A 227 -3.02 -5.04 -3.73
CA LYS A 227 -4.35 -4.52 -3.42
C LYS A 227 -4.65 -4.77 -1.96
N PRO A 228 -5.61 -4.02 -1.38
CA PRO A 228 -5.91 -4.15 0.06
C PRO A 228 -6.41 -5.55 0.41
N ASN A 229 -7.11 -6.18 -0.53
CA ASN A 229 -7.75 -7.47 -0.30
C ASN A 229 -6.76 -8.60 -0.63
N ALA A 230 -5.65 -8.24 -1.30
CA ALA A 230 -4.70 -9.20 -1.82
C ALA A 230 -3.30 -8.56 -1.90
N LYS A 231 -2.66 -8.37 -0.74
CA LYS A 231 -1.40 -7.63 -0.69
C LYS A 231 -0.25 -8.48 -1.18
N TRP A 232 0.74 -7.86 -1.86
CA TRP A 232 2.05 -8.50 -2.08
C TRP A 232 2.91 -8.34 -0.84
N HIS A 233 3.51 -9.43 -0.33
CA HIS A 233 4.47 -9.28 0.75
C HIS A 233 5.86 -9.70 0.26
N ILE A 234 6.76 -8.72 0.18
CA ILE A 234 8.14 -8.92 -0.23
C ILE A 234 8.97 -9.43 0.95
N ILE A 235 9.34 -10.72 0.90
CA ILE A 235 10.07 -11.37 1.97
C ILE A 235 11.58 -11.29 1.68
N GLU A 236 12.31 -10.70 2.61
CA GLU A 236 13.76 -10.71 2.56
C GLU A 236 14.23 -12.17 2.76
N SER A 237 14.94 -12.75 1.78
CA SER A 237 15.14 -14.19 1.75
C SER A 237 16.60 -14.62 1.58
N ASN A 238 17.58 -13.72 1.75
CA ASN A 238 18.99 -14.17 1.70
C ASN A 238 19.28 -15.20 2.80
N ASP A 239 18.58 -15.07 3.93
CA ASP A 239 18.58 -16.05 4.99
C ASP A 239 17.23 -16.77 5.02
N LYS A 240 17.28 -18.08 4.73
CA LYS A 240 16.11 -18.95 4.67
C LYS A 240 15.35 -18.90 6.00
N LEU A 241 16.07 -18.72 7.12
CA LEU A 241 15.46 -18.88 8.43
C LEU A 241 14.48 -17.73 8.64
N TYR A 242 14.96 -16.51 8.41
CA TYR A 242 14.13 -15.34 8.55
C TYR A 242 12.92 -15.49 7.63
N ALA A 243 13.17 -15.86 6.37
CA ALA A 243 12.12 -15.95 5.36
C ALA A 243 10.97 -16.83 5.83
N ARG A 244 11.32 -18.02 6.32
CA ARG A 244 10.35 -19.03 6.66
C ARG A 244 9.47 -18.54 7.81
N VAL A 245 10.12 -17.85 8.76
CA VAL A 245 9.44 -17.51 9.99
C VAL A 245 8.56 -16.30 9.72
N LYS A 246 9.01 -15.40 8.85
CA LYS A 246 8.23 -14.23 8.49
C LYS A 246 7.01 -14.63 7.63
N THR A 247 7.13 -15.73 6.86
CA THR A 247 6.01 -16.21 6.08
C THR A 247 4.87 -16.62 7.03
N LEU A 248 5.20 -17.44 8.03
CA LEU A 248 4.23 -17.94 8.98
C LEU A 248 3.59 -16.78 9.73
N LYS A 249 4.40 -15.79 10.12
CA LYS A 249 3.95 -14.63 10.88
C LYS A 249 2.91 -13.83 10.09
N ILE A 250 3.20 -13.62 8.81
CA ILE A 250 2.31 -12.81 8.00
C ILE A 250 0.96 -13.48 7.80
N ILE A 251 1.00 -14.81 7.59
CA ILE A 251 -0.18 -15.64 7.34
C ILE A 251 -1.04 -15.59 8.58
N ILE A 252 -0.47 -16.01 9.73
CA ILE A 252 -1.18 -16.02 10.99
C ILE A 252 -1.89 -14.68 11.15
N SER A 253 -1.18 -13.60 10.84
CA SER A 253 -1.72 -12.27 11.01
C SER A 253 -2.91 -12.01 10.10
N PHE A 254 -2.81 -12.30 8.79
CA PHE A 254 -3.92 -11.93 7.90
C PHE A 254 -5.14 -12.86 8.08
N ILE A 255 -4.93 -14.07 8.61
CA ILE A 255 -6.05 -14.92 9.00
C ILE A 255 -6.74 -14.34 10.23
N GLU A 256 -5.99 -14.09 11.31
CA GLU A 256 -6.54 -13.46 12.50
C GLU A 256 -7.27 -12.17 12.13
N ASP A 257 -6.71 -11.34 11.27
CA ASP A 257 -7.39 -10.10 10.92
C ASP A 257 -8.74 -10.42 10.31
N TYR A 258 -8.80 -11.49 9.49
CA TYR A 258 -10.01 -11.86 8.80
C TYR A 258 -11.05 -12.35 9.81
N PHE A 259 -10.61 -13.15 10.79
CA PHE A 259 -11.52 -13.63 11.82
C PHE A 259 -12.06 -12.43 12.60
N LEU A 260 -11.20 -11.50 13.01
CA LEU A 260 -11.65 -10.37 13.81
C LEU A 260 -12.67 -9.56 13.02
N GLU A 261 -12.40 -9.31 11.74
CA GLU A 261 -13.29 -8.52 10.90
C GLU A 261 -14.68 -9.15 10.76
N HIS A 262 -14.80 -10.49 10.77
CA HIS A 262 -16.05 -11.16 10.39
C HIS A 262 -16.66 -11.88 11.59
N GLY A 263 -16.22 -11.52 12.80
CA GLY A 263 -16.87 -11.95 14.04
C GLY A 263 -16.47 -13.34 14.55
N ILE A 264 -15.63 -14.06 13.81
CA ILE A 264 -15.23 -15.40 14.19
C ILE A 264 -14.31 -15.25 15.41
N GLU A 265 -14.32 -16.28 16.27
CA GLU A 265 -13.61 -16.23 17.52
C GLU A 265 -12.30 -17.01 17.39
N LEU A 266 -11.23 -16.38 17.88
CA LEU A 266 -9.88 -16.87 17.69
C LEU A 266 -9.58 -17.90 18.79
N PRO A 267 -8.53 -18.72 18.62
CA PRO A 267 -8.29 -19.80 19.58
C PRO A 267 -7.55 -19.56 20.91
N SER A 268 -6.43 -18.79 20.92
CA SER A 268 -5.76 -18.36 22.15
C SER A 268 -4.87 -17.13 21.92
N TYR A 269 -5.58 -16.02 21.64
CA TYR A 269 -5.05 -14.74 21.20
C TYR A 269 -5.39 -13.66 22.25
N SER B 19 -8.93 -6.59 18.79
CA SER B 19 -10.14 -5.89 18.28
C SER B 19 -9.98 -5.65 16.77
N HIS B 20 -11.09 -5.33 16.08
CA HIS B 20 -11.06 -4.85 14.70
C HIS B 20 -10.80 -3.34 14.71
N MET B 21 -11.09 -2.69 15.85
CA MET B 21 -10.85 -1.27 16.07
C MET B 21 -9.36 -0.99 16.23
N GLU B 22 -8.59 -2.01 16.65
CA GLU B 22 -7.16 -1.93 16.82
C GLU B 22 -6.41 -2.20 15.50
N ASN B 23 -7.10 -2.75 14.49
CA ASN B 23 -6.49 -3.01 13.19
C ASN B 23 -6.83 -1.90 12.18
N GLY B 24 -7.63 -0.90 12.59
CA GLY B 24 -7.77 0.32 11.81
C GLY B 24 -6.43 1.01 11.53
N HIS B 25 -6.37 1.78 10.44
CA HIS B 25 -5.17 2.52 10.11
C HIS B 25 -4.87 3.57 11.18
N LEU B 26 -5.92 4.18 11.77
CA LEU B 26 -5.75 5.32 12.65
C LEU B 26 -5.35 4.86 14.05
N ALA B 27 -5.84 3.68 14.43
CA ALA B 27 -5.44 3.02 15.66
C ALA B 27 -3.98 2.56 15.61
N LYS B 28 -3.47 2.23 14.43
CA LYS B 28 -2.10 1.72 14.28
C LYS B 28 -1.07 2.83 14.26
N VAL B 29 -1.51 4.08 14.07
CA VAL B 29 -0.66 5.25 14.00
C VAL B 29 0.02 5.52 15.35
N ASP B 30 1.33 5.76 15.32
CA ASP B 30 2.12 6.04 16.52
C ASP B 30 2.13 7.54 16.80
N LEU B 31 1.32 7.99 17.76
CA LEU B 31 1.11 9.40 18.03
C LEU B 31 2.19 10.00 18.92
N THR B 32 3.20 9.21 19.31
CA THR B 32 4.27 9.74 20.16
C THR B 32 5.36 10.38 19.30
N LYS B 33 5.27 10.24 17.97
CA LYS B 33 6.35 10.73 17.12
C LYS B 33 6.54 12.24 17.35
N LYS B 34 7.79 12.69 17.40
CA LYS B 34 8.01 14.10 17.68
C LYS B 34 9.40 14.52 17.26
N ILE B 35 9.60 15.84 17.28
CA ILE B 35 10.90 16.45 17.21
C ILE B 35 11.03 17.32 18.46
N GLU B 36 11.96 16.92 19.35
CA GLU B 36 12.08 17.46 20.69
C GLU B 36 12.71 18.85 20.65
N SER B 37 13.71 19.03 19.78
CA SER B 37 14.47 20.28 19.69
C SER B 37 13.91 21.22 18.63
N LYS B 38 13.54 22.43 19.08
CA LYS B 38 12.99 23.47 18.24
C LYS B 38 14.00 23.85 17.16
N SER B 39 15.29 23.88 17.52
CA SER B 39 16.29 24.40 16.60
C SER B 39 16.64 23.33 15.56
N LYS B 40 16.62 22.04 15.93
CA LYS B 40 16.86 20.96 14.97
C LYS B 40 15.68 20.84 14.00
N TYR B 41 14.48 21.24 14.45
CA TYR B 41 13.30 21.40 13.60
C TYR B 41 13.55 22.47 12.54
N ASN B 42 13.93 23.69 12.99
CA ASN B 42 14.14 24.83 12.11
C ASN B 42 15.19 24.50 11.04
N LYS B 43 16.21 23.72 11.38
CA LYS B 43 17.26 23.43 10.43
C LYS B 43 16.70 22.50 9.34
N LYS B 44 15.88 21.51 9.75
CA LYS B 44 15.30 20.55 8.83
C LYS B 44 14.29 21.24 7.91
N LEU B 45 13.48 22.12 8.49
CA LEU B 45 12.48 22.84 7.73
C LEU B 45 13.16 23.61 6.61
N GLU B 46 14.18 24.41 6.97
CA GLU B 46 14.81 25.30 6.01
C GLU B 46 15.50 24.47 4.93
N LYS B 47 16.04 23.30 5.31
CA LYS B 47 16.64 22.41 4.34
C LYS B 47 15.61 21.97 3.30
N TYR B 48 14.43 21.56 3.78
CA TYR B 48 13.44 20.96 2.90
C TYR B 48 12.72 22.05 2.12
N GLN B 49 12.59 23.24 2.74
CA GLN B 49 12.02 24.41 2.08
C GLN B 49 12.86 24.85 0.87
N ARG B 50 14.20 24.83 1.02
CA ARG B 50 15.10 25.17 -0.07
C ARG B 50 14.91 24.18 -1.21
N ARG B 51 14.79 22.91 -0.86
CA ARG B 51 14.70 21.89 -1.88
C ARG B 51 13.40 22.05 -2.66
N LEU B 52 12.29 22.28 -1.96
CA LEU B 52 10.98 22.38 -2.57
C LEU B 52 10.91 23.56 -3.53
N LEU B 53 11.51 24.72 -3.16
CA LEU B 53 11.59 25.89 -4.04
C LEU B 53 12.32 25.53 -5.34
N ALA B 54 13.41 24.76 -5.20
CA ALA B 54 14.19 24.41 -6.35
C ALA B 54 13.34 23.55 -7.26
N LEU B 55 12.54 22.66 -6.69
CA LEU B 55 11.71 21.77 -7.50
C LEU B 55 10.57 22.55 -8.14
N GLN B 56 10.11 23.61 -7.47
CA GLN B 56 9.06 24.44 -8.03
C GLN B 56 9.49 24.98 -9.40
N GLN B 57 10.77 25.39 -9.55
CA GLN B 57 11.28 25.88 -10.83
C GLN B 57 11.28 24.79 -11.89
N ILE B 58 11.70 23.57 -11.55
CA ILE B 58 11.70 22.49 -12.50
C ILE B 58 10.26 22.16 -12.90
N LEU B 59 9.32 22.29 -11.95
CA LEU B 59 7.92 21.95 -12.21
C LEU B 59 7.37 22.91 -13.27
N LYS B 60 7.55 24.22 -13.04
CA LYS B 60 7.08 25.25 -13.95
C LYS B 60 7.54 24.99 -15.39
N GLU B 61 8.84 24.69 -15.55
CA GLU B 61 9.44 24.71 -16.88
C GLU B 61 9.06 23.41 -17.61
N GLU B 62 8.81 22.34 -16.85
CA GLU B 62 8.53 21.03 -17.43
C GLU B 62 7.03 20.82 -17.60
N LYS B 63 6.19 21.78 -17.19
CA LYS B 63 4.76 21.70 -17.40
C LYS B 63 4.20 20.46 -16.70
N ILE B 64 4.44 20.41 -15.39
CA ILE B 64 3.88 19.37 -14.56
C ILE B 64 3.14 20.06 -13.42
N ALA B 65 1.95 19.55 -13.11
CA ALA B 65 1.10 20.17 -12.11
C ALA B 65 1.06 19.31 -10.86
N VAL B 66 1.07 19.97 -9.71
CA VAL B 66 0.93 19.27 -8.45
C VAL B 66 -0.41 19.61 -7.81
N MET B 67 -1.10 18.58 -7.31
CA MET B 67 -2.23 18.77 -6.41
C MET B 67 -1.94 18.13 -5.06
N LEU B 68 -2.03 18.94 -4.00
CA LEU B 68 -1.93 18.45 -2.64
C LEU B 68 -3.31 18.50 -1.96
N VAL B 69 -3.72 17.39 -1.39
CA VAL B 69 -4.97 17.34 -0.64
C VAL B 69 -4.61 17.18 0.84
N MET B 70 -5.29 17.95 1.70
CA MET B 70 -5.08 17.88 3.13
C MET B 70 -6.39 17.59 3.81
N GLU B 71 -6.50 16.45 4.47
CA GLU B 71 -7.65 16.18 5.31
C GLU B 71 -7.18 15.95 6.74
N GLY B 72 -8.15 15.99 7.64
CA GLY B 72 -7.87 15.73 9.04
C GLY B 72 -8.86 16.47 9.92
N TRP B 73 -8.79 16.16 11.21
CA TRP B 73 -9.66 16.74 12.22
C TRP B 73 -9.38 18.22 12.33
N ASP B 74 -10.34 18.98 12.86
CA ASP B 74 -10.10 20.36 13.21
C ASP B 74 -8.93 20.40 14.22
N ALA B 75 -8.11 21.44 14.07
CA ALA B 75 -6.99 21.70 14.96
C ALA B 75 -5.85 20.71 14.75
N ALA B 76 -5.93 19.85 13.72
CA ALA B 76 -4.94 18.80 13.54
C ALA B 76 -3.64 19.33 12.95
N GLY B 77 -3.67 20.57 12.44
CA GLY B 77 -2.47 21.26 11.96
C GLY B 77 -2.32 21.29 10.42
N LYS B 78 -3.43 21.03 9.69
CA LYS B 78 -3.44 21.21 8.24
C LYS B 78 -3.05 22.64 7.91
N GLY B 79 -3.67 23.61 8.60
CA GLY B 79 -3.36 25.01 8.41
C GLY B 79 -1.88 25.28 8.55
N GLY B 80 -1.29 24.79 9.66
CA GLY B 80 0.14 24.92 9.89
C GLY B 80 1.01 24.34 8.79
N ALA B 81 0.63 23.16 8.29
CA ALA B 81 1.41 22.42 7.32
C ALA B 81 1.44 23.18 6.00
N ILE B 82 0.26 23.55 5.52
CA ILE B 82 0.12 24.35 4.31
C ILE B 82 1.03 25.57 4.42
N LYS B 83 1.01 26.27 5.56
CA LYS B 83 1.84 27.45 5.72
C LYS B 83 3.33 27.10 5.53
N ARG B 84 3.77 25.94 6.03
CA ARG B 84 5.19 25.62 5.99
C ARG B 84 5.57 25.17 4.59
N VAL B 85 4.62 24.46 3.94
CA VAL B 85 4.83 23.99 2.59
C VAL B 85 5.03 25.18 1.65
N THR B 86 4.24 26.26 1.84
CA THR B 86 4.20 27.37 0.90
C THR B 86 5.05 28.54 1.36
N GLU B 87 5.44 28.61 2.63
CA GLU B 87 6.13 29.77 3.18
C GLU B 87 7.25 30.24 2.27
N HIS B 88 8.04 29.31 1.69
CA HIS B 88 9.27 29.67 1.01
C HIS B 88 9.11 29.57 -0.52
N LEU B 89 7.90 29.28 -1.00
CA LEU B 89 7.64 29.10 -2.42
C LEU B 89 7.31 30.43 -3.10
N ASP B 90 7.44 30.42 -4.44
CA ASP B 90 7.02 31.56 -5.21
C ASP B 90 5.51 31.54 -5.27
N PRO B 91 4.81 32.50 -4.64
CA PRO B 91 3.34 32.51 -4.61
C PRO B 91 2.65 32.70 -5.95
N ARG B 92 3.43 32.98 -7.01
CA ARG B 92 2.88 33.17 -8.35
C ARG B 92 2.60 31.81 -8.98
N GLY B 93 3.15 30.77 -8.38
CA GLY B 93 3.08 29.43 -8.93
C GLY B 93 2.25 28.49 -8.05
N PHE B 94 1.53 29.02 -7.05
CA PHE B 94 0.65 28.17 -6.26
C PHE B 94 -0.59 28.94 -5.84
N GLN B 95 -1.68 28.20 -5.63
CA GLN B 95 -2.94 28.71 -5.08
C GLN B 95 -3.37 27.78 -3.95
N VAL B 96 -3.85 28.35 -2.84
CA VAL B 96 -4.35 27.52 -1.77
C VAL B 96 -5.87 27.68 -1.67
N ASP B 97 -6.63 26.60 -1.86
CA ASP B 97 -8.08 26.68 -1.97
C ASP B 97 -8.76 26.08 -0.74
N PRO B 98 -9.33 26.89 0.19
CA PRO B 98 -10.03 26.36 1.37
C PRO B 98 -11.45 25.89 1.03
N ILE B 99 -11.71 24.60 1.28
CA ILE B 99 -12.91 23.90 0.84
C ILE B 99 -13.85 23.68 2.03
N GLY B 100 -15.04 24.28 1.97
CA GLY B 100 -16.09 24.02 2.93
C GLY B 100 -17.22 23.18 2.34
N ALA B 101 -18.33 23.14 3.07
CA ALA B 101 -19.54 22.48 2.61
C ALA B 101 -20.00 23.16 1.33
N PRO B 102 -20.59 22.40 0.37
CA PRO B 102 -21.10 23.00 -0.87
C PRO B 102 -22.10 24.09 -0.54
N ALA B 103 -21.88 25.27 -1.13
CA ALA B 103 -22.83 26.38 -1.05
C ALA B 103 -23.97 26.12 -2.05
N PRO B 104 -25.16 26.72 -1.87
CA PRO B 104 -26.25 26.51 -2.83
C PRO B 104 -25.91 26.68 -4.31
N HIS B 105 -25.00 27.58 -4.66
CA HIS B 105 -24.60 27.77 -6.04
C HIS B 105 -23.73 26.61 -6.57
N GLU B 106 -23.08 25.85 -5.70
CA GLU B 106 -22.29 24.70 -6.12
C GLU B 106 -23.19 23.46 -6.26
N LYS B 107 -24.31 23.44 -5.54
CA LYS B 107 -25.21 22.30 -5.55
C LYS B 107 -26.15 22.39 -6.75
N ARG B 108 -25.96 23.41 -7.60
CA ARG B 108 -26.60 23.49 -8.91
C ARG B 108 -25.89 22.61 -9.95
N TYR B 109 -24.73 22.07 -9.61
CA TYR B 109 -23.97 21.23 -10.53
C TYR B 109 -23.66 19.86 -9.91
N HIS B 110 -23.12 18.98 -10.74
CA HIS B 110 -22.51 17.76 -10.24
C HIS B 110 -21.43 18.13 -9.20
N TYR B 111 -21.21 17.26 -8.21
CA TYR B 111 -20.42 17.64 -7.04
C TYR B 111 -18.95 17.90 -7.39
N LEU B 112 -18.47 17.43 -8.55
CA LEU B 112 -17.07 17.52 -8.85
C LEU B 112 -16.81 18.77 -9.66
N GLN B 113 -17.88 19.34 -10.23
CA GLN B 113 -17.70 20.53 -11.05
C GLN B 113 -16.89 21.63 -10.34
N ARG B 114 -17.11 21.85 -9.08
CA ARG B 114 -16.43 22.94 -8.40
C ARG B 114 -14.95 22.60 -8.19
N PHE B 115 -14.58 21.32 -8.21
CA PHE B 115 -13.19 20.94 -8.08
C PHE B 115 -12.46 21.08 -9.43
N TRP B 116 -13.14 20.73 -10.51
CA TRP B 116 -12.57 20.84 -11.84
C TRP B 116 -12.20 22.29 -12.14
N ARG B 117 -12.97 23.23 -11.62
CA ARG B 117 -12.66 24.66 -11.77
C ARG B 117 -11.46 25.05 -10.93
N LYS B 118 -10.98 24.22 -10.01
CA LYS B 118 -9.88 24.64 -9.16
C LYS B 118 -8.59 23.89 -9.48
N ILE B 119 -8.61 22.95 -10.45
CA ILE B 119 -7.42 22.13 -10.67
C ILE B 119 -6.37 23.05 -11.28
N PRO B 120 -5.07 22.82 -10.96
CA PRO B 120 -4.01 23.69 -11.41
C PRO B 120 -3.73 23.54 -12.90
N GLN B 121 -3.23 24.61 -13.48
CA GLN B 121 -2.61 24.55 -14.79
C GLN B 121 -1.28 23.80 -14.67
N TYR B 122 -0.81 23.30 -15.82
CA TYR B 122 0.51 22.72 -15.94
C TYR B 122 1.56 23.71 -15.44
N GLY B 123 2.41 23.22 -14.53
CA GLY B 123 3.51 24.00 -14.01
C GLY B 123 3.14 24.69 -12.70
N GLN B 124 1.94 24.40 -12.19
CA GLN B 124 1.40 25.16 -11.08
C GLN B 124 0.96 24.19 -9.99
N ILE B 125 0.85 24.72 -8.77
CA ILE B 125 0.49 23.92 -7.61
C ILE B 125 -0.85 24.42 -7.10
N THR B 126 -1.83 23.54 -6.92
CA THR B 126 -2.98 23.86 -6.10
C THR B 126 -2.95 23.02 -4.82
N ILE B 127 -3.30 23.66 -3.70
CA ILE B 127 -3.40 23.01 -2.42
C ILE B 127 -4.84 23.10 -1.89
N PHE B 128 -5.42 21.94 -1.58
CA PHE B 128 -6.79 21.89 -1.08
C PHE B 128 -6.81 21.71 0.44
N ASP B 129 -7.44 22.64 1.17
CA ASP B 129 -7.49 22.54 2.63
C ASP B 129 -8.50 21.47 3.03
N ARG B 130 -9.62 21.36 2.34
CA ARG B 130 -10.29 20.07 2.27
C ARG B 130 -10.50 19.77 0.79
N SER B 131 -11.23 18.71 0.45
CA SER B 131 -11.31 18.25 -0.93
C SER B 131 -12.66 17.61 -1.28
N TRP B 132 -12.68 17.02 -2.46
CA TRP B 132 -13.71 16.10 -2.90
C TRP B 132 -13.96 14.98 -1.90
N TYR B 133 -12.95 14.63 -1.07
CA TYR B 133 -13.11 13.56 -0.09
C TYR B 133 -14.23 13.83 0.93
N GLY B 134 -14.72 15.08 0.97
CA GLY B 134 -15.85 15.45 1.80
C GLY B 134 -17.11 14.67 1.42
N ARG B 135 -17.18 14.20 0.18
CA ARG B 135 -18.29 13.38 -0.27
C ARG B 135 -18.41 12.10 0.53
N VAL B 136 -17.28 11.58 1.03
CA VAL B 136 -17.29 10.33 1.76
C VAL B 136 -16.86 10.53 3.21
N LEU B 137 -16.83 11.79 3.69
CA LEU B 137 -16.60 12.07 5.10
C LEU B 137 -17.77 12.87 5.64
N VAL B 138 -17.64 14.20 5.67
CA VAL B 138 -18.68 15.06 6.19
C VAL B 138 -20.03 14.72 5.52
N GLU B 139 -20.05 14.60 4.19
CA GLU B 139 -21.31 14.46 3.48
C GLU B 139 -21.95 13.13 3.83
N ARG B 140 -21.14 12.11 4.14
CA ARG B 140 -21.64 10.80 4.54
C ARG B 140 -22.16 10.80 5.98
N VAL B 141 -21.36 11.31 6.92
CA VAL B 141 -21.65 11.24 8.34
C VAL B 141 -22.89 12.07 8.67
N GLU B 142 -23.00 13.25 8.07
CA GLU B 142 -24.09 14.18 8.33
C GLU B 142 -25.25 13.91 7.38
N GLY B 143 -25.07 12.98 6.44
CA GLY B 143 -26.12 12.48 5.57
C GLY B 143 -26.57 13.47 4.50
N PHE B 144 -25.69 14.40 4.08
CA PHE B 144 -26.00 15.30 2.99
C PHE B 144 -25.97 14.54 1.66
N ALA B 145 -25.26 13.41 1.66
CA ALA B 145 -25.24 12.53 0.51
C ALA B 145 -25.86 11.18 0.89
N THR B 146 -26.66 10.63 -0.02
CA THR B 146 -27.41 9.39 0.23
C THR B 146 -26.44 8.22 0.31
N LYS B 147 -26.92 7.05 0.74
CA LYS B 147 -26.12 5.84 0.74
C LYS B 147 -25.55 5.56 -0.66
N GLU B 148 -26.38 5.67 -1.72
CA GLU B 148 -25.96 5.34 -3.08
C GLU B 148 -24.83 6.27 -3.51
N GLU B 149 -25.09 7.59 -3.35
CA GLU B 149 -24.11 8.63 -3.62
C GLU B 149 -22.76 8.37 -2.93
N TRP B 150 -22.69 8.20 -1.62
CA TRP B 150 -21.35 8.09 -1.08
C TRP B 150 -20.76 6.71 -1.34
N MET B 151 -21.60 5.70 -1.61
CA MET B 151 -21.08 4.34 -1.83
C MET B 151 -20.36 4.25 -3.17
N ARG B 152 -20.89 4.95 -4.19
CA ARG B 152 -20.29 4.94 -5.51
C ARG B 152 -19.14 5.96 -5.60
N ALA B 153 -19.06 6.88 -4.64
CA ALA B 153 -18.19 8.05 -4.76
C ALA B 153 -16.72 7.66 -4.66
N TYR B 154 -16.40 6.57 -3.95
CA TYR B 154 -15.02 6.15 -3.81
C TYR B 154 -14.43 5.90 -5.21
N ASP B 155 -15.19 5.28 -6.11
CA ASP B 155 -14.68 4.90 -7.43
C ASP B 155 -14.63 6.10 -8.36
N GLU B 156 -15.65 6.97 -8.26
CA GLU B 156 -15.59 8.26 -8.93
C GLU B 156 -14.32 9.01 -8.55
N ILE B 157 -14.02 9.14 -7.25
CA ILE B 157 -12.88 9.91 -6.80
C ILE B 157 -11.59 9.29 -7.35
N ASN B 158 -11.55 7.95 -7.43
CA ASN B 158 -10.36 7.24 -7.89
C ASN B 158 -10.11 7.50 -9.36
N ASP B 159 -11.16 7.39 -10.17
CA ASP B 159 -11.12 7.74 -11.58
C ASP B 159 -10.64 9.18 -11.77
N PHE B 160 -11.15 10.12 -10.98
CA PHE B 160 -10.76 11.53 -11.12
C PHE B 160 -9.27 11.65 -10.88
N GLU B 161 -8.77 10.97 -9.85
CA GLU B 161 -7.36 11.11 -9.51
C GLU B 161 -6.51 10.49 -10.63
N LYS B 162 -7.00 9.42 -11.23
CA LYS B 162 -6.25 8.64 -12.21
C LYS B 162 -6.18 9.41 -13.53
N LEU B 163 -7.30 10.04 -13.88
CA LEU B 163 -7.39 10.97 -14.99
C LEU B 163 -6.20 11.91 -14.99
N LEU B 164 -6.03 12.58 -13.86
CA LEU B 164 -4.98 13.56 -13.74
C LEU B 164 -3.59 12.91 -13.65
N THR B 165 -3.44 11.70 -13.05
CA THR B 165 -2.12 11.12 -12.85
C THR B 165 -1.64 10.45 -14.14
N ASP B 166 -2.58 9.91 -14.92
CA ASP B 166 -2.31 9.39 -16.25
C ASP B 166 -1.84 10.49 -17.21
N ASP B 167 -2.17 11.75 -16.86
CA ASP B 167 -1.84 12.91 -17.66
C ASP B 167 -0.52 13.45 -17.10
N HIS B 168 -0.47 14.75 -16.73
CA HIS B 168 0.76 15.35 -16.24
C HIS B 168 0.57 15.98 -14.87
N TYR B 169 -0.32 15.42 -14.03
CA TYR B 169 -0.54 15.86 -12.66
C TYR B 169 0.15 14.90 -11.70
N ILE B 170 0.77 15.47 -10.65
CA ILE B 170 1.17 14.70 -9.48
C ILE B 170 0.18 14.99 -8.35
N ILE B 171 -0.28 13.95 -7.67
CA ILE B 171 -1.24 14.12 -6.59
C ILE B 171 -0.68 13.57 -5.28
N GLY B 172 -0.66 14.40 -4.24
CA GLY B 172 -0.32 13.95 -2.90
C GLY B 172 -1.44 14.23 -1.90
N LYS B 173 -1.84 13.19 -1.16
CA LYS B 173 -2.91 13.31 -0.19
C LYS B 173 -2.38 13.06 1.23
N PHE B 174 -2.71 13.98 2.13
CA PHE B 174 -2.22 13.94 3.49
C PHE B 174 -3.39 13.90 4.45
N PHE B 175 -3.32 13.04 5.48
CA PHE B 175 -4.28 13.05 6.57
C PHE B 175 -3.56 13.29 7.88
N TYR B 176 -3.98 14.34 8.59
CA TYR B 176 -3.33 14.76 9.83
C TYR B 176 -4.15 14.15 10.97
N HIS B 177 -3.53 13.22 11.69
CA HIS B 177 -4.24 12.51 12.73
C HIS B 177 -3.72 12.97 14.07
N ILE B 178 -4.65 13.33 14.96
CA ILE B 178 -4.37 13.67 16.34
C ILE B 178 -5.35 12.90 17.19
N SER B 179 -5.04 12.75 18.47
CA SER B 179 -5.97 12.17 19.42
C SER B 179 -7.11 13.15 19.73
N LYS B 180 -8.24 12.59 20.18
CA LYS B 180 -9.34 13.37 20.72
C LYS B 180 -8.90 14.25 21.89
N GLU B 181 -8.00 13.76 22.74
CA GLU B 181 -7.50 14.50 23.89
C GLU B 181 -6.62 15.67 23.41
N GLU B 182 -5.80 15.44 22.37
CA GLU B 182 -4.95 16.50 21.83
C GLU B 182 -5.79 17.59 21.17
N GLN B 183 -6.88 17.20 20.50
CA GLN B 183 -7.79 18.17 19.90
C GLN B 183 -8.29 19.10 20.99
N LEU B 184 -8.72 18.53 22.14
CA LEU B 184 -9.28 19.33 23.22
C LEU B 184 -8.22 20.30 23.75
N LYS B 185 -6.98 19.82 23.91
CA LYS B 185 -5.89 20.67 24.37
C LYS B 185 -5.75 21.88 23.44
N ARG B 186 -5.74 21.63 22.12
CA ARG B 186 -5.57 22.71 21.16
C ARG B 186 -6.80 23.62 21.13
N PHE B 187 -8.00 23.04 21.20
CA PHE B 187 -9.21 23.86 21.29
C PHE B 187 -9.12 24.83 22.47
N LYS B 188 -8.64 24.34 23.62
CA LYS B 188 -8.59 25.18 24.82
C LYS B 188 -7.56 26.29 24.63
N ASP B 189 -6.38 25.93 24.09
CA ASP B 189 -5.26 26.84 23.94
C ASP B 189 -5.57 27.89 22.88
N ARG B 190 -6.32 27.49 21.85
CA ARG B 190 -6.68 28.40 20.78
C ARG B 190 -7.63 29.47 21.33
N GLU B 191 -8.45 29.09 22.32
CA GLU B 191 -9.41 30.01 22.90
C GLU B 191 -8.73 31.02 23.81
N LYS B 192 -7.68 30.61 24.55
CA LYS B 192 -6.98 31.46 25.50
C LYS B 192 -6.15 32.53 24.78
N ASN B 193 -5.61 32.20 23.60
CA ASN B 193 -4.75 33.06 22.81
C ASN B 193 -5.48 34.31 22.27
N PRO B 194 -5.08 35.54 22.67
CA PRO B 194 -5.82 36.73 22.23
C PRO B 194 -5.76 36.98 20.71
N LEU B 195 -4.66 36.56 20.07
CA LEU B 195 -4.41 36.80 18.66
C LEU B 195 -5.37 35.98 17.78
N LYS B 196 -5.93 34.88 18.34
CA LYS B 196 -7.06 34.21 17.73
C LYS B 196 -8.34 34.69 18.42
N ARG B 197 -9.38 34.95 17.62
CA ARG B 197 -10.63 35.46 18.12
C ARG B 197 -11.49 34.30 18.59
N TRP B 198 -11.06 33.08 18.23
CA TRP B 198 -11.90 31.90 18.10
C TRP B 198 -12.36 31.35 19.45
N LYS B 199 -13.63 30.95 19.50
CA LYS B 199 -14.22 30.27 20.64
C LYS B 199 -14.76 28.93 20.14
N ILE B 200 -14.69 27.87 20.98
CA ILE B 200 -15.36 26.59 20.75
C ILE B 200 -16.86 26.84 20.60
N THR B 201 -17.53 26.01 19.80
CA THR B 201 -18.97 26.17 19.61
C THR B 201 -19.68 24.83 19.72
N ASP B 202 -21.01 24.89 19.79
CA ASP B 202 -21.88 23.72 19.78
C ASP B 202 -21.50 22.80 18.60
N GLU B 203 -21.17 23.40 17.45
CA GLU B 203 -20.77 22.64 16.28
C GLU B 203 -19.56 21.77 16.61
N ASP B 204 -18.56 22.36 17.28
CA ASP B 204 -17.33 21.67 17.60
C ASP B 204 -17.61 20.45 18.48
N TRP B 205 -18.45 20.62 19.53
CA TRP B 205 -18.86 19.54 20.43
C TRP B 205 -19.68 18.47 19.72
N ARG B 206 -20.62 18.87 18.88
CA ARG B 206 -21.37 17.92 18.07
C ARG B 206 -20.40 17.06 17.25
N ASN B 207 -19.35 17.65 16.66
CA ASN B 207 -18.45 16.89 15.79
C ASN B 207 -17.63 15.89 16.60
N ARG B 208 -17.27 16.25 17.84
CA ARG B 208 -16.53 15.34 18.69
C ARG B 208 -17.38 14.14 19.06
N GLU B 209 -18.69 14.37 19.28
CA GLU B 209 -19.61 13.28 19.55
C GLU B 209 -19.60 12.24 18.43
N LYS B 210 -19.39 12.67 17.18
CA LYS B 210 -19.48 11.77 16.05
C LYS B 210 -18.10 11.23 15.70
N TRP B 211 -17.10 11.52 16.53
CA TRP B 211 -15.70 11.18 16.24
C TRP B 211 -15.55 9.77 15.70
N ASP B 212 -16.20 8.78 16.31
CA ASP B 212 -15.99 7.40 15.89
C ASP B 212 -16.71 7.12 14.57
N GLU B 213 -17.85 7.76 14.27
CA GLU B 213 -18.43 7.67 12.92
C GLU B 213 -17.43 8.17 11.87
N TYR B 214 -16.75 9.28 12.18
CA TYR B 214 -15.73 9.82 11.31
C TYR B 214 -14.62 8.79 11.08
N VAL B 215 -14.20 8.09 12.15
CA VAL B 215 -13.11 7.14 12.02
C VAL B 215 -13.54 6.02 11.06
N GLU B 216 -14.76 5.51 11.22
CA GLU B 216 -15.29 4.46 10.35
C GLU B 216 -15.22 4.92 8.90
N ALA B 217 -15.52 6.21 8.67
CA ALA B 217 -15.63 6.76 7.33
C ALA B 217 -14.26 7.01 6.74
N MET B 218 -13.33 7.37 7.62
CA MET B 218 -11.95 7.63 7.24
C MET B 218 -11.27 6.31 6.93
N GLU B 219 -11.58 5.26 7.69
CA GLU B 219 -11.00 3.95 7.45
C GLU B 219 -11.41 3.44 6.08
N ASP B 220 -12.71 3.50 5.77
CA ASP B 220 -13.19 3.14 4.45
C ASP B 220 -12.46 3.92 3.35
N MET B 221 -12.23 5.21 3.58
CA MET B 221 -11.59 6.03 2.57
C MET B 221 -10.15 5.54 2.36
N PHE B 222 -9.38 5.30 3.41
CA PHE B 222 -8.02 4.83 3.24
C PHE B 222 -7.98 3.47 2.53
N GLU B 223 -8.91 2.58 2.82
CA GLU B 223 -8.98 1.29 2.12
C GLU B 223 -9.30 1.49 0.63
N LYS B 224 -10.34 2.25 0.33
CA LYS B 224 -10.90 2.30 -1.00
C LYS B 224 -10.16 3.26 -1.94
N THR B 225 -9.49 4.33 -1.43
CA THR B 225 -8.91 5.35 -2.29
C THR B 225 -7.41 5.57 -2.04
N SER B 226 -6.69 4.58 -1.54
CA SER B 226 -5.24 4.72 -1.46
C SER B 226 -4.64 3.94 -2.61
N LYS B 227 -4.04 4.65 -3.57
CA LYS B 227 -3.63 4.07 -4.84
C LYS B 227 -2.17 4.40 -5.10
N PRO B 228 -1.48 3.62 -5.97
CA PRO B 228 -0.06 3.82 -6.22
C PRO B 228 0.27 5.22 -6.75
N ASN B 229 -0.63 5.73 -7.60
CA ASN B 229 -0.47 7.02 -8.27
C ASN B 229 -0.88 8.19 -7.38
N ALA B 230 -1.54 7.88 -6.25
CA ALA B 230 -2.27 8.83 -5.44
C ALA B 230 -2.41 8.27 -4.03
N LYS B 231 -1.29 8.25 -3.30
CA LYS B 231 -1.26 7.55 -2.03
C LYS B 231 -1.88 8.46 -0.98
N TRP B 232 -2.56 7.87 0.01
CA TRP B 232 -2.83 8.54 1.27
C TRP B 232 -1.60 8.51 2.16
N HIS B 233 -1.21 9.64 2.74
CA HIS B 233 -0.15 9.61 3.74
C HIS B 233 -0.72 10.05 5.08
N ILE B 234 -0.73 9.13 6.05
CA ILE B 234 -1.25 9.44 7.36
C ILE B 234 -0.13 10.04 8.21
N ILE B 235 -0.23 11.35 8.48
CA ILE B 235 0.76 12.05 9.26
C ILE B 235 0.37 12.01 10.74
N GLU B 236 1.28 11.49 11.55
CA GLU B 236 1.18 11.57 13.00
C GLU B 236 1.33 13.04 13.41
N SER B 237 0.31 13.63 14.04
CA SER B 237 0.26 15.09 14.13
C SER B 237 0.06 15.61 15.55
N ASN B 238 0.22 14.78 16.58
CA ASN B 238 0.13 15.27 17.96
C ASN B 238 1.21 16.32 18.24
N ASP B 239 2.36 16.22 17.54
CA ASP B 239 3.37 17.26 17.57
C ASP B 239 3.41 17.93 16.19
N LYS B 240 3.05 19.22 16.15
CA LYS B 240 3.03 20.03 14.94
C LYS B 240 4.36 19.98 14.20
N LEU B 241 5.48 19.95 14.96
CA LEU B 241 6.79 20.10 14.37
C LEU B 241 7.08 18.89 13.49
N TYR B 242 6.89 17.70 14.06
CA TYR B 242 7.07 16.46 13.32
C TYR B 242 6.20 16.51 12.06
N ALA B 243 4.92 16.84 12.24
CA ALA B 243 3.94 16.78 11.16
C ALA B 243 4.41 17.59 9.96
N ARG B 244 4.80 18.82 10.24
CA ARG B 244 5.15 19.77 9.20
C ARG B 244 6.38 19.30 8.41
N VAL B 245 7.33 18.70 9.13
CA VAL B 245 8.59 18.36 8.51
C VAL B 245 8.41 17.10 7.71
N LYS B 246 7.55 16.18 8.19
CA LYS B 246 7.28 14.95 7.47
C LYS B 246 6.47 15.24 6.20
N THR B 247 5.63 16.29 6.24
CA THR B 247 4.86 16.68 5.06
C THR B 247 5.83 17.08 3.94
N LEU B 248 6.76 17.98 4.26
CA LEU B 248 7.73 18.48 3.29
C LEU B 248 8.54 17.35 2.70
N LYS B 249 8.98 16.44 3.59
CA LYS B 249 9.83 15.32 3.21
C LYS B 249 9.11 14.44 2.21
N ILE B 250 7.85 14.13 2.49
CA ILE B 250 7.09 13.24 1.63
C ILE B 250 6.90 13.83 0.23
N ILE B 251 6.62 15.16 0.18
CA ILE B 251 6.38 15.91 -1.05
C ILE B 251 7.65 15.88 -1.88
N ILE B 252 8.74 16.41 -1.33
CA ILE B 252 10.04 16.40 -2.00
C ILE B 252 10.27 15.02 -2.59
N SER B 253 9.99 13.99 -1.80
CA SER B 253 10.24 12.63 -2.24
C SER B 253 9.40 12.25 -3.45
N PHE B 254 8.07 12.48 -3.42
CA PHE B 254 7.24 11.99 -4.52
C PHE B 254 7.42 12.85 -5.78
N ILE B 255 7.91 14.09 -5.65
CA ILE B 255 8.26 14.88 -6.82
C ILE B 255 9.54 14.32 -7.44
N GLU B 256 10.61 14.19 -6.66
CA GLU B 256 11.84 13.54 -7.12
C GLU B 256 11.53 12.20 -7.78
N ASP B 257 10.69 11.39 -7.15
CA ASP B 257 10.43 10.08 -7.73
C ASP B 257 9.81 10.26 -9.11
N TYR B 258 8.95 11.28 -9.27
CA TYR B 258 8.26 11.53 -10.53
C TYR B 258 9.27 11.96 -11.58
N PHE B 259 10.20 12.84 -11.20
CA PHE B 259 11.24 13.28 -12.13
C PHE B 259 12.07 12.07 -12.55
N LEU B 260 12.50 11.24 -11.60
CA LEU B 260 13.34 10.09 -11.94
C LEU B 260 12.60 9.18 -12.91
N GLU B 261 11.32 8.91 -12.64
CA GLU B 261 10.51 8.02 -13.45
C GLU B 261 10.38 8.53 -14.90
N HIS B 262 10.36 9.85 -15.12
CA HIS B 262 9.98 10.37 -16.44
C HIS B 262 11.15 11.06 -17.13
N GLY B 263 12.38 10.83 -16.65
CA GLY B 263 13.58 11.25 -17.34
C GLY B 263 14.02 12.68 -17.04
N ILE B 264 13.24 13.45 -16.27
CA ILE B 264 13.58 14.83 -15.97
C ILE B 264 14.80 14.82 -15.04
N GLU B 265 15.66 15.85 -15.18
CA GLU B 265 16.92 15.89 -14.47
C GLU B 265 16.83 16.97 -13.39
N LEU B 266 17.42 16.69 -12.23
CA LEU B 266 17.13 17.40 -11.00
C LEU B 266 18.14 18.55 -10.80
N PRO B 267 17.93 19.43 -9.79
CA PRO B 267 18.90 20.46 -9.40
C PRO B 267 19.78 20.22 -8.17
N SER B 268 21.07 20.59 -8.24
CA SER B 268 21.96 20.59 -7.07
C SER B 268 21.53 19.57 -6.01
N TYR B 269 21.54 18.29 -6.41
CA TYR B 269 21.14 17.17 -5.55
C TYR B 269 22.23 16.12 -5.59
#